data_7OA2
#
_entry.id   7OA2
#
_cell.length_a   61.312
_cell.length_b   61.312
_cell.length_c   138.535
_cell.angle_alpha   90.000
_cell.angle_beta   90.000
_cell.angle_gamma   90.000
#
_symmetry.space_group_name_H-M   'P 41 21 2'
#
loop_
_entity.id
_entity.type
_entity.pdbx_description
1 polymer 'Triphosphate tunnel metalloenzyme Saci_0718'
2 non-polymer 'PYROPHOSPHATE 2-'
3 non-polymer 'POTASSIUM ION'
4 water water
#
_entity_poly.entity_id   1
_entity_poly.type   'polypeptide(L)'
_entity_poly.pdbx_seq_one_letter_code
;MGSYIEREIKLRVISPSLEEIEERIRNNYTFINEEHQIDIYYNNPIRDFRKSDEALRLRNTNGKVILTYKGPKQSKETKT
REEIEVEVSDLHKMDLILRKLGFIRSFQVEKIRKNYKYADFIISLDSIKELGEFIEIEGINKTEKELISFVDEFVKKHQI
QYEKTIKSYLELLVEHAKKTNNSNTHGSIEGRHHHHHH
;
_entity_poly.pdbx_strand_id   A
#
loop_
_chem_comp.id
_chem_comp.type
_chem_comp.name
_chem_comp.formula
K non-polymer 'POTASSIUM ION' 'K 1'
POP non-polymer 'PYROPHOSPHATE 2-' 'H2 O7 P2 -2'
#
# COMPACT_ATOMS: atom_id res chain seq x y z
N SER A 3 18.03 -3.50 -4.05
CA SER A 3 16.98 -2.98 -3.19
C SER A 3 16.63 -1.55 -3.55
N TYR A 4 15.37 -1.20 -3.30
CA TYR A 4 14.86 0.15 -3.58
C TYR A 4 14.16 0.64 -2.32
N ILE A 5 13.98 1.95 -2.26
CA ILE A 5 13.34 2.59 -1.11
C ILE A 5 11.97 3.04 -1.56
N GLU A 6 10.93 2.44 -1.00
CA GLU A 6 9.57 2.88 -1.25
C GLU A 6 9.25 4.04 -0.31
N ARG A 7 8.80 5.15 -0.87
CA ARG A 7 8.34 6.28 -0.08
C ARG A 7 6.95 6.68 -0.53
N GLU A 8 5.99 6.55 0.38
CA GLU A 8 4.58 6.81 0.03
C GLU A 8 3.87 7.44 1.22
N ILE A 9 2.74 8.10 0.98
CA ILE A 9 1.91 8.67 2.08
C ILE A 9 0.52 8.07 1.93
N LYS A 10 -0.02 7.53 3.00
CA LYS A 10 -1.36 6.93 2.98
C LYS A 10 -2.33 7.83 3.71
N LEU A 11 -3.48 8.12 3.10
CA LEU A 11 -4.49 9.03 3.68
C LEU A 11 -5.79 8.28 3.89
N ARG A 12 -6.32 8.32 5.11
CA ARG A 12 -7.67 7.78 5.33
C ARG A 12 -8.58 8.87 4.83
N VAL A 13 -9.44 8.55 3.87
CA VAL A 13 -10.32 9.56 3.30
C VAL A 13 -11.51 9.73 4.23
N ILE A 14 -11.84 10.97 4.57
CA ILE A 14 -13.06 11.22 5.39
C ILE A 14 -14.10 11.86 4.46
N SER A 15 -13.67 12.75 3.58
CA SER A 15 -14.55 13.43 2.62
C SER A 15 -13.70 13.70 1.39
N PRO A 16 -14.23 13.70 0.15
CA PRO A 16 -15.50 13.07 -0.14
C PRO A 16 -15.43 11.56 -0.39
N SER A 17 -16.30 11.03 -1.26
CA SER A 17 -16.21 9.59 -1.63
C SER A 17 -15.12 9.41 -2.66
N LEU A 18 -14.59 8.20 -2.76
CA LEU A 18 -13.45 8.05 -3.68
C LEU A 18 -13.99 8.33 -5.05
N GLU A 19 -15.17 7.80 -5.36
CA GLU A 19 -15.82 8.07 -6.65
C GLU A 19 -15.94 9.56 -6.85
N GLU A 20 -16.33 10.29 -5.81
CA GLU A 20 -16.34 11.76 -6.02
C GLU A 20 -14.91 12.26 -6.27
N ILE A 21 -13.92 11.72 -5.55
CA ILE A 21 -12.52 12.20 -5.74
C ILE A 21 -12.07 11.86 -7.16
N GLU A 22 -12.43 10.70 -7.69
CA GLU A 22 -11.99 10.35 -9.07
C GLU A 22 -12.58 11.36 -10.04
N GLU A 23 -13.84 11.71 -9.84
CA GLU A 23 -14.50 12.70 -10.71
C GLU A 23 -13.67 13.97 -10.68
N ARG A 24 -13.17 14.35 -9.50
CA ARG A 24 -12.48 15.62 -9.37
C ARG A 24 -11.10 15.58 -10.02
N ILE A 25 -10.44 14.43 -10.02
CA ILE A 25 -9.09 14.35 -10.59
C ILE A 25 -9.09 13.88 -12.04
N ARG A 26 -10.19 13.30 -12.52
CA ARG A 26 -10.25 12.61 -13.81
C ARG A 26 -9.71 13.45 -14.95
N ASN A 27 -9.89 14.77 -14.90
CA ASN A 27 -9.58 15.59 -16.07
C ASN A 27 -8.15 16.09 -16.09
N ASN A 28 -7.44 16.06 -14.97
CA ASN A 28 -6.05 16.47 -14.93
C ASN A 28 -5.08 15.37 -14.58
N TYR A 29 -5.56 14.19 -14.19
CA TYR A 29 -4.70 13.06 -13.86
C TYR A 29 -4.96 11.95 -14.86
N THR A 30 -3.90 11.27 -15.29
CA THR A 30 -4.05 10.27 -16.34
C THR A 30 -4.25 8.89 -15.70
N PHE A 31 -5.38 8.27 -15.99
CA PHE A 31 -5.68 6.92 -15.51
C PHE A 31 -4.63 5.93 -16.01
N ILE A 32 -4.09 5.14 -15.09
CA ILE A 32 -3.16 4.07 -15.47
C ILE A 32 -3.91 2.75 -15.58
N ASN A 33 -4.38 2.21 -14.46
CA ASN A 33 -5.08 0.92 -14.48
C ASN A 33 -5.81 0.74 -13.16
N GLU A 34 -6.66 -0.28 -13.13
CA GLU A 34 -7.30 -0.75 -11.92
C GLU A 34 -6.76 -2.14 -11.57
N GLU A 35 -6.45 -2.33 -10.29
CA GLU A 35 -5.84 -3.54 -9.78
C GLU A 35 -6.71 -4.12 -8.68
N HIS A 36 -7.04 -5.41 -8.80
CA HIS A 36 -7.69 -6.18 -7.74
C HIS A 36 -6.57 -6.93 -7.05
N GLN A 37 -6.24 -6.58 -5.80
CA GLN A 37 -5.04 -7.09 -5.14
C GLN A 37 -5.47 -7.90 -3.94
N ILE A 38 -5.03 -9.15 -3.88
CA ILE A 38 -5.27 -10.03 -2.74
C ILE A 38 -3.89 -10.39 -2.19
N ASP A 39 -3.62 -10.01 -0.95
CA ASP A 39 -2.30 -10.14 -0.34
C ASP A 39 -2.36 -11.12 0.83
N ILE A 40 -1.41 -12.06 0.89
CA ILE A 40 -1.22 -12.93 2.06
C ILE A 40 0.03 -12.45 2.76
N TYR A 41 -0.06 -12.17 4.06
CA TYR A 41 1.14 -11.84 4.81
C TYR A 41 1.61 -13.04 5.63
N TYR A 42 2.92 -13.07 5.93
CA TYR A 42 3.57 -14.20 6.60
C TYR A 42 4.34 -13.73 7.82
N ASN A 43 4.47 -14.59 8.81
CA ASN A 43 5.37 -14.32 9.91
C ASN A 43 6.42 -15.43 9.98
N ASN A 44 7.48 -15.17 10.73
CA ASN A 44 8.49 -16.22 11.03
C ASN A 44 8.60 -16.34 12.54
N PRO A 45 8.49 -17.56 13.12
CA PRO A 45 8.53 -17.70 14.58
C PRO A 45 9.86 -17.21 15.19
N ILE A 46 10.94 -17.23 14.43
CA ILE A 46 12.19 -16.66 15.02
C ILE A 46 12.05 -15.14 15.14
N ARG A 47 12.00 -14.45 13.99
CA ARG A 47 11.90 -12.97 14.00
C ARG A 47 10.43 -12.58 13.96
N ASP A 48 9.97 -11.90 15.02
CA ASP A 48 8.58 -11.39 14.99
C ASP A 48 8.64 -10.20 14.06
N PHE A 49 7.96 -10.31 12.92
CA PHE A 49 7.98 -9.22 11.93
C PHE A 49 7.23 -8.00 12.48
N ARG A 50 6.40 -8.22 13.50
CA ARG A 50 5.85 -7.10 14.31
C ARG A 50 6.97 -6.44 15.12
N LYS A 51 7.86 -7.23 15.76
CA LYS A 51 8.86 -6.53 16.56
C LYS A 51 9.96 -5.91 15.70
N SER A 52 10.42 -6.61 14.64
CA SER A 52 11.47 -6.07 13.79
C SER A 52 10.93 -5.11 12.73
N ASP A 53 9.61 -4.97 12.60
CA ASP A 53 8.96 -4.05 11.64
C ASP A 53 9.22 -4.46 10.20
N GLU A 54 9.24 -5.77 9.94
CA GLU A 54 9.43 -6.31 8.59
C GLU A 54 8.14 -6.96 8.10
N ALA A 55 8.13 -7.27 6.79
CA ALA A 55 6.94 -7.85 6.19
C ALA A 55 7.39 -8.74 5.05
N LEU A 56 6.52 -9.73 4.85
CA LEU A 56 6.68 -10.68 3.73
C LEU A 56 5.28 -10.86 3.13
N ARG A 57 5.13 -10.59 1.84
CA ARG A 57 3.80 -10.63 1.20
C ARG A 57 3.77 -11.45 -0.09
N LEU A 58 2.72 -12.23 -0.27
CA LEU A 58 2.50 -12.93 -1.57
C LEU A 58 1.25 -12.27 -2.15
N ARG A 59 1.44 -11.44 -3.16
CA ARG A 59 0.35 -10.64 -3.70
C ARG A 59 -0.13 -11.25 -5.00
N ASN A 60 -1.45 -11.26 -5.20
CA ASN A 60 -2.03 -11.60 -6.50
C ASN A 60 -2.64 -10.30 -6.98
N THR A 61 -2.04 -9.66 -7.99
CA THR A 61 -2.65 -8.43 -8.50
C THR A 61 -3.01 -8.64 -9.97
N ASN A 62 -4.30 -8.62 -10.27
CA ASN A 62 -4.87 -8.95 -11.57
C ASN A 62 -4.20 -10.21 -12.14
N GLY A 63 -4.00 -11.21 -11.31
CA GLY A 63 -3.44 -12.46 -11.79
C GLY A 63 -1.92 -12.51 -11.79
N LYS A 64 -1.25 -11.37 -11.65
CA LYS A 64 0.21 -11.38 -11.53
C LYS A 64 0.63 -11.67 -10.08
N VAL A 65 1.63 -12.52 -9.88
CA VAL A 65 2.00 -12.98 -8.54
C VAL A 65 3.36 -12.39 -8.15
N ILE A 66 3.41 -11.73 -6.98
CA ILE A 66 4.56 -10.92 -6.60
C ILE A 66 4.88 -11.25 -5.14
N LEU A 67 6.11 -11.66 -4.89
CA LEU A 67 6.63 -11.88 -3.54
C LEU A 67 7.41 -10.63 -3.14
N THR A 68 7.07 -10.03 -1.98
CA THR A 68 7.70 -8.78 -1.58
C THR A 68 8.21 -8.91 -0.14
N TYR A 69 9.48 -8.52 0.08
CA TYR A 69 10.02 -8.21 1.41
C TYR A 69 9.98 -6.69 1.61
N LYS A 70 9.60 -6.27 2.82
CA LYS A 70 9.58 -4.85 3.28
C LYS A 70 10.38 -4.71 4.57
N GLY A 71 11.40 -3.84 4.64
CA GLY A 71 12.17 -3.64 5.84
C GLY A 71 11.52 -2.63 6.78
N PRO A 72 12.21 -2.31 7.89
CA PRO A 72 11.64 -1.41 8.88
C PRO A 72 11.42 -0.02 8.32
N LYS A 73 10.47 0.69 8.91
CA LYS A 73 10.23 2.06 8.51
C LYS A 73 11.44 2.95 8.80
N GLN A 74 11.76 3.84 7.85
CA GLN A 74 12.90 4.74 7.98
C GLN A 74 12.49 6.17 8.25
N SER A 75 11.20 6.46 8.27
CA SER A 75 10.73 7.85 8.50
C SER A 75 9.52 7.86 9.42
N LYS A 76 9.22 9.01 9.97
CA LYS A 76 8.06 9.16 10.85
C LYS A 76 7.07 10.13 10.20
N GLU A 77 7.49 10.79 9.13
CA GLU A 77 6.66 11.77 8.40
C GLU A 77 6.02 11.10 7.16
N THR A 78 6.65 10.08 6.57
CA THR A 78 6.02 9.36 5.46
C THR A 78 6.23 7.88 5.72
N LYS A 79 5.62 7.04 4.87
CA LYS A 79 5.80 5.57 4.95
C LYS A 79 7.01 5.23 4.08
N THR A 80 8.18 5.07 4.70
CA THR A 80 9.42 4.85 3.97
C THR A 80 10.09 3.56 4.42
N ARG A 81 10.26 2.61 3.48
CA ARG A 81 10.77 1.28 3.77
C ARG A 81 11.55 0.73 2.59
N GLU A 82 12.59 -0.03 2.89
CA GLU A 82 13.21 -0.86 1.87
C GLU A 82 12.20 -1.87 1.33
N GLU A 83 12.21 -2.06 0.00
CA GLU A 83 11.29 -2.99 -0.62
C GLU A 83 12.03 -3.79 -1.69
N ILE A 84 11.89 -5.11 -1.64
CA ILE A 84 12.50 -6.01 -2.63
C ILE A 84 11.39 -6.94 -3.12
N GLU A 85 11.18 -7.00 -4.43
CA GLU A 85 10.06 -7.75 -4.99
C GLU A 85 10.53 -8.62 -6.13
N VAL A 86 9.89 -9.78 -6.30
CA VAL A 86 10.12 -10.58 -7.51
C VAL A 86 8.77 -11.06 -7.97
N GLU A 87 8.61 -11.25 -9.28
CA GLU A 87 7.43 -11.94 -9.79
C GLU A 87 7.70 -13.44 -9.72
N VAL A 88 6.68 -14.23 -9.36
CA VAL A 88 6.85 -15.69 -9.29
C VAL A 88 5.76 -16.35 -10.15
N SER A 89 6.02 -17.60 -10.57
CA SER A 89 5.19 -18.17 -11.64
C SER A 89 3.87 -18.72 -11.09
N ASP A 90 3.81 -19.02 -9.80
CA ASP A 90 2.70 -19.78 -9.26
C ASP A 90 2.49 -19.41 -7.81
N LEU A 91 1.31 -18.88 -7.49
CA LEU A 91 1.07 -18.43 -6.13
C LEU A 91 0.98 -19.61 -5.15
N HIS A 92 0.20 -20.63 -5.51
CA HIS A 92 0.03 -21.77 -4.61
C HIS A 92 1.37 -22.40 -4.28
N LYS A 93 2.23 -22.56 -5.28
CA LYS A 93 3.50 -23.23 -4.99
C LYS A 93 4.42 -22.35 -4.18
N MET A 94 4.42 -21.04 -4.43
CA MET A 94 5.24 -20.15 -3.61
C MET A 94 4.77 -20.17 -2.16
N ASP A 95 3.46 -20.15 -1.95
CA ASP A 95 2.93 -20.25 -0.60
C ASP A 95 3.33 -21.57 0.05
N LEU A 96 3.26 -22.66 -0.72
CA LEU A 96 3.65 -23.97 -0.21
C LEU A 96 5.11 -23.97 0.22
N ILE A 97 5.99 -23.37 -0.61
CA ILE A 97 7.41 -23.30 -0.27
C ILE A 97 7.63 -22.54 1.01
N LEU A 98 6.98 -21.37 1.14
CA LEU A 98 7.12 -20.57 2.35
C LEU A 98 6.66 -21.35 3.56
N ARG A 99 5.58 -22.12 3.40
CA ARG A 99 5.08 -22.87 4.53
C ARG A 99 5.97 -24.07 4.85
N LYS A 100 6.53 -24.72 3.82
CA LYS A 100 7.48 -25.81 4.05
C LYS A 100 8.72 -25.31 4.77
N LEU A 101 9.13 -24.08 4.49
CA LEU A 101 10.27 -23.44 5.11
C LEU A 101 9.98 -22.98 6.54
N GLY A 102 8.72 -22.99 6.95
CA GLY A 102 8.37 -22.68 8.32
C GLY A 102 7.68 -21.36 8.51
N PHE A 103 7.42 -20.59 7.45
CA PHE A 103 6.64 -19.37 7.57
C PHE A 103 5.17 -19.73 7.81
N ILE A 104 4.48 -18.88 8.56
CA ILE A 104 3.08 -19.12 8.87
C ILE A 104 2.26 -17.98 8.28
N ARG A 105 1.13 -18.33 7.68
CA ARG A 105 0.21 -17.33 7.14
C ARG A 105 -0.40 -16.50 8.27
N SER A 106 -0.26 -15.18 8.16
CA SER A 106 -0.71 -14.25 9.23
C SER A 106 -2.09 -13.69 8.97
N PHE A 107 -2.18 -12.69 8.09
CA PHE A 107 -3.48 -12.05 7.77
C PHE A 107 -3.54 -11.76 6.26
N GLN A 108 -4.76 -11.57 5.75
CA GLN A 108 -4.98 -11.32 4.31
C GLN A 108 -5.62 -9.96 4.10
N VAL A 109 -5.09 -9.17 3.16
CA VAL A 109 -5.61 -7.86 2.83
C VAL A 109 -6.14 -7.93 1.41
N GLU A 110 -7.30 -7.33 1.16
CA GLU A 110 -7.84 -7.39 -0.20
C GLU A 110 -8.32 -6.00 -0.56
N LYS A 111 -8.03 -5.55 -1.78
CA LYS A 111 -8.50 -4.22 -2.13
C LYS A 111 -8.74 -4.12 -3.63
N ILE A 112 -9.48 -3.09 -4.02
CA ILE A 112 -9.48 -2.58 -5.40
C ILE A 112 -8.73 -1.26 -5.40
N ARG A 113 -7.76 -1.13 -6.31
CA ARG A 113 -6.88 0.03 -6.38
C ARG A 113 -6.96 0.63 -7.78
N LYS A 114 -7.16 1.95 -7.85
CA LYS A 114 -7.21 2.67 -9.11
C LYS A 114 -6.02 3.61 -9.15
N ASN A 115 -5.15 3.41 -10.13
CA ASN A 115 -3.89 4.12 -10.23
C ASN A 115 -3.96 5.25 -11.25
N TYR A 116 -3.49 6.44 -10.86
CA TYR A 116 -3.44 7.59 -11.80
C TYR A 116 -2.02 8.17 -11.79
N LYS A 117 -1.65 8.91 -12.82
CA LYS A 117 -0.28 9.45 -12.93
C LYS A 117 -0.32 10.95 -13.26
N TYR A 118 0.40 11.75 -12.48
CA TYR A 118 0.49 13.22 -12.66
C TYR A 118 1.91 13.67 -12.33
N ALA A 119 2.78 13.73 -13.33
CA ALA A 119 4.17 14.26 -13.24
C ALA A 119 5.09 13.62 -12.18
N ASP A 120 5.40 12.32 -12.31
CA ASP A 120 6.36 11.54 -11.46
C ASP A 120 5.75 11.09 -10.13
N PHE A 121 4.45 11.29 -9.96
CA PHE A 121 3.67 10.89 -8.76
C PHE A 121 2.59 9.89 -9.16
N ILE A 122 2.49 8.81 -8.39
CA ILE A 122 1.45 7.81 -8.58
C ILE A 122 0.47 7.94 -7.44
N ILE A 123 -0.79 8.17 -7.79
CA ILE A 123 -1.89 8.39 -6.87
C ILE A 123 -2.77 7.15 -6.96
N SER A 124 -2.91 6.46 -5.86
CA SER A 124 -3.64 5.20 -5.88
C SER A 124 -4.88 5.32 -5.01
N LEU A 125 -6.05 5.22 -5.62
CA LEU A 125 -7.33 5.30 -4.87
C LEU A 125 -7.67 3.88 -4.41
N ASP A 126 -7.61 3.65 -3.11
CA ASP A 126 -7.75 2.28 -2.59
C ASP A 126 -9.05 2.05 -1.84
N SER A 127 -9.77 1.02 -2.23
CA SER A 127 -10.99 0.62 -1.57
C SER A 127 -10.69 -0.72 -0.90
N ILE A 128 -10.55 -0.70 0.42
CA ILE A 128 -10.01 -1.83 1.17
C ILE A 128 -11.17 -2.56 1.80
N LYS A 129 -11.27 -3.85 1.49
CA LYS A 129 -12.26 -4.71 2.09
C LYS A 129 -12.17 -4.60 3.61
N GLU A 130 -13.28 -4.22 4.24
CA GLU A 130 -13.43 -4.12 5.69
C GLU A 130 -12.77 -2.88 6.30
N LEU A 131 -11.88 -2.20 5.59
CA LEU A 131 -11.26 -1.00 6.17
C LEU A 131 -11.82 0.31 5.62
N GLY A 132 -12.24 0.38 4.37
CA GLY A 132 -12.78 1.62 3.86
C GLY A 132 -11.88 2.25 2.81
N GLU A 133 -12.11 3.53 2.53
CA GLU A 133 -11.45 4.28 1.40
C GLU A 133 -10.22 5.07 1.81
N PHE A 134 -9.10 4.86 1.11
CA PHE A 134 -7.80 5.44 1.38
C PHE A 134 -7.21 5.92 0.06
N ILE A 135 -6.21 6.80 0.14
CA ILE A 135 -5.42 7.22 -1.02
C ILE A 135 -3.96 7.07 -0.64
N GLU A 136 -3.17 6.46 -1.52
CA GLU A 136 -1.73 6.48 -1.36
C GLU A 136 -1.11 7.33 -2.45
N ILE A 137 -0.02 7.99 -2.12
CA ILE A 137 0.76 8.80 -3.09
C ILE A 137 2.20 8.31 -2.93
N GLU A 138 2.79 7.85 -4.02
CA GLU A 138 4.15 7.36 -4.03
C GLU A 138 4.94 8.24 -4.97
N GLY A 139 6.23 8.42 -4.67
CA GLY A 139 7.09 9.31 -5.43
C GLY A 139 8.07 8.54 -6.29
N ILE A 140 8.23 8.99 -7.54
CA ILE A 140 9.27 8.37 -8.40
C ILE A 140 10.44 9.37 -8.33
N ASN A 141 11.61 8.94 -7.86
CA ASN A 141 12.78 9.86 -7.88
C ASN A 141 12.38 11.15 -7.16
N LYS A 142 11.85 11.04 -5.94
CA LYS A 142 11.36 12.23 -5.21
C LYS A 142 11.97 12.33 -3.81
N THR A 143 11.72 13.44 -3.12
CA THR A 143 12.28 13.70 -1.77
C THR A 143 11.13 13.62 -0.79
N GLU A 144 11.43 13.40 0.48
CA GLU A 144 10.35 13.39 1.48
C GLU A 144 9.70 14.77 1.40
N LYS A 145 10.49 15.82 1.25
CA LYS A 145 9.87 17.15 1.24
C LYS A 145 9.07 17.30 -0.04
N GLU A 146 9.56 16.79 -1.16
CA GLU A 146 8.77 17.06 -2.37
C GLU A 146 7.42 16.36 -2.24
N LEU A 147 7.43 15.15 -1.68
CA LEU A 147 6.18 14.37 -1.53
C LEU A 147 5.25 15.09 -0.56
N ILE A 148 5.78 15.58 0.55
CA ILE A 148 4.88 16.16 1.58
C ILE A 148 4.20 17.37 0.97
N SER A 149 4.91 18.09 0.12
CA SER A 149 4.35 19.30 -0.53
C SER A 149 3.29 18.93 -1.56
N PHE A 150 3.56 17.93 -2.39
CA PHE A 150 2.53 17.48 -3.37
C PHE A 150 1.30 16.94 -2.63
N VAL A 151 1.49 16.16 -1.58
CA VAL A 151 0.27 15.58 -0.96
C VAL A 151 -0.52 16.79 -0.51
N ASP A 152 0.16 17.79 0.03
CA ASP A 152 -0.57 18.95 0.57
C ASP A 152 -1.26 19.69 -0.59
N GLU A 153 -0.61 19.89 -1.74
CA GLU A 153 -1.30 20.55 -2.85
C GLU A 153 -2.44 19.68 -3.37
N PHE A 154 -2.28 18.35 -3.26
CA PHE A 154 -3.30 17.43 -3.83
C PHE A 154 -4.59 17.52 -3.06
N VAL A 155 -4.49 17.34 -1.75
CA VAL A 155 -5.71 17.29 -0.90
C VAL A 155 -6.47 18.62 -0.98
N LYS A 156 -5.75 19.74 -1.02
CA LYS A 156 -6.36 21.09 -1.05
C LYS A 156 -6.93 21.42 -2.43
N LYS A 157 -6.23 21.07 -3.50
CA LYS A 157 -6.81 21.36 -4.80
C LYS A 157 -8.10 20.59 -5.03
N HIS A 158 -8.21 19.38 -4.48
CA HIS A 158 -9.41 18.56 -4.67
C HIS A 158 -10.31 18.52 -3.43
N GLN A 159 -10.06 19.42 -2.46
CA GLN A 159 -10.91 19.63 -1.29
C GLN A 159 -11.23 18.31 -0.59
N ILE A 160 -10.18 17.56 -0.29
CA ILE A 160 -10.31 16.28 0.39
C ILE A 160 -10.10 16.50 1.89
N GLN A 161 -10.97 15.88 2.70
CA GLN A 161 -10.80 15.89 4.18
C GLN A 161 -10.07 14.57 4.51
N TYR A 162 -8.87 14.65 5.06
CA TYR A 162 -8.12 13.38 5.29
C TYR A 162 -7.43 13.35 6.65
N GLU A 163 -6.88 12.18 6.96
CA GLU A 163 -6.07 11.89 8.18
C GLU A 163 -4.88 11.03 7.72
N LYS A 164 -3.65 11.57 7.80
CA LYS A 164 -2.45 10.86 7.32
C LYS A 164 -2.07 9.76 8.29
N THR A 165 -1.52 8.67 7.78
CA THR A 165 -0.98 7.64 8.67
C THR A 165 0.21 6.94 8.03
N ILE A 166 1.13 6.48 8.89
CA ILE A 166 2.22 5.65 8.41
C ILE A 166 2.07 4.20 8.85
N LYS A 167 0.95 3.85 9.49
CA LYS A 167 0.62 2.44 9.69
C LYS A 167 0.34 1.75 8.35
N SER A 168 0.74 0.49 8.27
CA SER A 168 0.41 -0.30 7.08
C SER A 168 -1.06 -0.72 7.11
N TYR A 169 -1.55 -1.29 6.00
CA TYR A 169 -2.95 -1.77 5.91
C TYR A 169 -3.08 -3.01 6.77
N LEU A 170 -1.97 -3.75 6.89
CA LEU A 170 -1.97 -4.92 7.76
C LEU A 170 -2.15 -4.49 9.20
N GLU A 171 -1.36 -3.52 9.63
CA GLU A 171 -1.50 -3.09 11.04
C GLU A 171 -2.88 -2.50 11.24
N LEU A 172 -3.35 -1.72 10.27
CA LEU A 172 -4.66 -1.06 10.42
C LEU A 172 -5.76 -2.11 10.54
N LEU A 173 -5.67 -3.16 9.73
CA LEU A 173 -6.72 -4.19 9.78
C LEU A 173 -6.77 -4.80 11.18
N VAL A 174 -5.62 -5.08 11.76
CA VAL A 174 -5.61 -5.70 13.08
C VAL A 174 -6.23 -4.77 14.11
N GLU A 175 -5.93 -3.47 14.03
CA GLU A 175 -6.57 -2.50 14.91
C GLU A 175 -8.08 -2.52 14.73
N HIS A 176 -8.54 -2.72 13.49
CA HIS A 176 -9.97 -2.70 13.21
C HIS A 176 -10.67 -3.96 13.70
N ALA A 177 -10.00 -5.12 13.63
CA ALA A 177 -10.66 -6.38 13.97
C ALA A 177 -11.12 -6.41 15.43
N LYS A 178 -10.36 -5.79 16.33
CA LYS A 178 -10.65 -5.84 17.74
C LYS A 178 -11.38 -4.59 18.24
N LYS A 179 -12.07 -3.89 17.34
CA LYS A 179 -12.95 -2.80 17.76
C LYS A 179 -14.37 -3.14 17.30
P1 POP B . 0.48 -0.80 2.57
O1 POP B . 1.66 0.04 2.78
O2 POP B . -0.75 -0.02 2.40
O3 POP B . 0.33 -1.88 3.55
O POP B . 0.76 -1.43 1.16
P2 POP B . 0.02 -2.39 0.16
O4 POP B . 0.83 -2.28 -1.07
O5 POP B . -1.33 -1.87 0.01
O6 POP B . 0.06 -3.73 0.78
K K C . 2.05 -0.39 -0.51
#